data_6WY1
#
_entry.id   6WY1
#
_cell.length_a   125.800
_cell.length_b   125.800
_cell.length_c   142.637
_cell.angle_alpha   90.000
_cell.angle_beta   90.000
_cell.angle_gamma   120.000
#
_symmetry.space_group_name_H-M   'P 6 2 2'
#
loop_
_entity.id
_entity.type
_entity.pdbx_description
1 polymer 'Dengue 2 soluble recombinant envelope'
2 non-polymer 2-acetamido-2-deoxy-beta-D-glucopyranose
#
_entity_poly.entity_id   1
_entity_poly.type   'polypeptide(L)'
_entity_poly.pdbx_seq_one_letter_code
;MRCIGMSNRDFVEGVSGGSWVDIVLEHGSCVTTMAKNKPTLDFELIKTEAKQPATLRKYCIEAKLTNTTTESRCPTQGEP
SLNEEQDKRFVCKHSMVDRGWGNGCDLFGKGGIVTCAMFRCKKNMEGKVVQPENLEYTIVITPHSGEEHAVGNDTGKHGK
EIKITPQSSITEAELTGYGTVTMECSPRTGLDFNEMVLLQMENKAWLVHRQWFLDLPLPWLPGADTQGSNWIQKETLVTF
KNPHAKKQDVVVLGSQEGWMHRALTGATEIQMSSGNLLWPGHLKCRLRMDKLQLKGMSYSMCTGKFKVVKEIAETQHGTI
VIRVQYEGDGSPCKIPFEIMDLEKRHVLGRLITVNPIVTEKDSPVNIEAEPPFGDSYIIIGVEPGQLKLNWFKKGSSGGS
HHHHHHHH
;
_entity_poly.pdbx_strand_id   A
#
loop_
_chem_comp.id
_chem_comp.type
_chem_comp.name
_chem_comp.formula
NAG D-saccharide, beta linking 2-acetamido-2-deoxy-beta-D-glucopyranose 'C8 H15 N O6'
#
# COMPACT_ATOMS: atom_id res chain seq x y z
N MET A 1 5.91 1.68 18.07
CA MET A 1 7.12 0.95 17.71
C MET A 1 6.81 -0.10 16.64
N ARG A 2 7.79 -0.94 16.33
CA ARG A 2 7.65 -1.93 15.29
C ARG A 2 8.01 -3.31 15.81
N CYS A 3 7.54 -4.33 15.10
CA CYS A 3 7.81 -5.74 15.41
C CYS A 3 7.37 -6.09 16.82
N ILE A 4 8.09 -5.60 17.83
CA ILE A 4 7.62 -5.77 19.20
C ILE A 4 6.34 -4.98 19.37
N GLY A 5 5.27 -5.67 19.78
CA GLY A 5 3.98 -5.02 19.88
C GLY A 5 3.18 -5.01 18.59
N MET A 6 3.55 -5.82 17.61
CA MET A 6 2.77 -6.03 16.40
C MET A 6 2.12 -7.40 16.48
N SER A 7 0.78 -7.43 16.41
CA SER A 7 0.05 -8.67 16.60
C SER A 7 0.36 -9.71 15.53
N ASN A 8 0.91 -9.28 14.38
CA ASN A 8 1.26 -10.19 13.30
C ASN A 8 2.78 -10.21 13.18
N ARG A 9 3.41 -10.95 14.10
CA ARG A 9 4.86 -11.11 14.10
C ARG A 9 5.20 -12.56 14.43
N ASP A 10 6.02 -13.18 13.60
CA ASP A 10 6.43 -14.57 13.77
C ASP A 10 7.90 -14.64 14.13
N PHE A 11 8.24 -15.57 15.02
CA PHE A 11 9.61 -15.84 15.40
C PHE A 11 10.16 -17.02 14.59
N VAL A 12 11.47 -17.01 14.37
CA VAL A 12 12.15 -18.09 13.68
C VAL A 12 13.58 -18.15 14.16
N GLU A 13 14.12 -19.35 14.28
CA GLU A 13 15.48 -19.57 14.78
C GLU A 13 16.19 -20.57 13.87
N GLY A 14 17.37 -20.20 13.40
CA GLY A 14 18.13 -21.06 12.52
C GLY A 14 18.82 -22.17 13.29
N VAL A 15 18.64 -23.41 12.83
CA VAL A 15 19.26 -24.54 13.51
C VAL A 15 20.76 -24.55 13.23
N SER A 16 21.49 -25.29 14.08
CA SER A 16 22.92 -25.41 13.95
C SER A 16 23.36 -26.40 12.88
N GLY A 17 22.42 -27.00 12.15
CA GLY A 17 22.75 -27.92 11.09
C GLY A 17 22.83 -27.25 9.73
N GLY A 18 23.27 -26.00 9.72
CA GLY A 18 23.38 -25.24 8.49
C GLY A 18 22.77 -23.86 8.58
N SER A 19 22.27 -23.34 7.46
CA SER A 19 21.64 -22.03 7.43
C SER A 19 20.38 -22.07 6.57
N TRP A 20 20.33 -21.21 5.55
CA TRP A 20 19.23 -21.14 4.58
C TRP A 20 17.85 -21.35 5.21
N VAL A 21 17.45 -20.43 6.08
CA VAL A 21 16.17 -20.54 6.80
C VAL A 21 15.10 -19.78 6.02
N ASP A 22 13.90 -20.33 5.99
CA ASP A 22 12.81 -19.75 5.22
C ASP A 22 11.94 -18.84 6.09
N ILE A 23 11.55 -17.70 5.51
CA ILE A 23 10.66 -16.75 6.15
C ILE A 23 9.58 -16.34 5.16
N VAL A 24 8.48 -15.82 5.69
CA VAL A 24 7.35 -15.35 4.90
C VAL A 24 7.09 -13.90 5.27
N LEU A 25 7.36 -12.99 4.35
CA LEU A 25 7.19 -11.56 4.57
C LEU A 25 5.93 -11.08 3.86
N GLU A 26 5.00 -10.51 4.63
CA GLU A 26 3.79 -9.94 4.08
C GLU A 26 3.61 -8.53 4.62
N HIS A 27 2.79 -7.75 3.91
CA HIS A 27 2.56 -6.36 4.29
C HIS A 27 1.82 -6.30 5.62
N GLY A 28 2.32 -5.49 6.54
CA GLY A 28 1.76 -5.40 7.87
C GLY A 28 2.25 -6.44 8.85
N SER A 29 3.29 -7.19 8.52
CA SER A 29 3.83 -8.22 9.38
C SER A 29 5.34 -8.10 9.45
N CYS A 30 5.90 -8.48 10.60
CA CYS A 30 7.33 -8.46 10.84
C CYS A 30 7.82 -9.86 11.18
N VAL A 31 9.04 -10.17 10.75
CA VAL A 31 9.67 -11.46 10.98
C VAL A 31 10.92 -11.25 11.83
N THR A 32 11.07 -12.05 12.87
CA THR A 32 12.19 -11.95 13.80
C THR A 32 13.10 -13.16 13.62
N THR A 33 14.34 -12.92 13.22
CA THR A 33 15.32 -13.97 13.01
C THR A 33 16.40 -13.90 14.07
N MET A 34 16.79 -15.06 14.59
CA MET A 34 17.77 -15.12 15.66
C MET A 34 18.40 -16.51 15.68
N ALA A 35 19.58 -16.58 16.30
CA ALA A 35 20.31 -17.82 16.50
C ALA A 35 21.46 -17.54 17.46
N LYS A 36 22.08 -18.61 17.94
CA LYS A 36 23.23 -18.45 18.83
C LYS A 36 24.43 -17.89 18.07
N ASN A 37 25.12 -16.95 18.70
CA ASN A 37 26.27 -16.24 18.14
C ASN A 37 25.88 -15.34 16.97
N LYS A 38 24.62 -15.43 16.53
CA LYS A 38 24.14 -14.61 15.42
C LYS A 38 23.27 -13.47 15.94
N PRO A 39 23.35 -12.29 15.34
CA PRO A 39 22.51 -11.18 15.79
C PRO A 39 21.06 -11.37 15.36
N THR A 40 20.16 -10.77 16.14
CA THR A 40 18.73 -10.83 15.86
C THR A 40 18.35 -9.72 14.88
N LEU A 41 17.61 -10.09 13.84
CA LEU A 41 17.21 -9.14 12.81
C LEU A 41 15.69 -9.12 12.69
N ASP A 42 15.17 -7.97 12.24
CA ASP A 42 13.75 -7.76 12.03
C ASP A 42 13.51 -7.39 10.57
N PHE A 43 12.72 -8.20 9.87
CA PHE A 43 12.40 -7.98 8.47
C PHE A 43 10.96 -7.53 8.35
N GLU A 44 10.72 -6.47 7.58
CA GLU A 44 9.37 -5.96 7.38
C GLU A 44 9.20 -5.47 5.95
N LEU A 45 8.11 -5.88 5.31
CA LEU A 45 7.78 -5.41 3.98
C LEU A 45 7.06 -4.07 4.08
N ILE A 46 7.63 -3.03 3.47
CA ILE A 46 7.09 -1.68 3.58
C ILE A 46 5.98 -1.48 2.55
N LYS A 47 6.36 -1.34 1.28
CA LYS A 47 5.40 -1.04 0.23
C LYS A 47 5.65 -1.95 -0.97
N THR A 48 4.57 -2.23 -1.70
CA THR A 48 4.61 -3.03 -2.93
C THR A 48 4.21 -2.10 -4.07
N GLU A 49 5.21 -1.49 -4.69
CA GLU A 49 4.97 -0.48 -5.73
C GLU A 49 4.98 -1.17 -7.10
N ALA A 50 3.86 -1.04 -7.82
CA ALA A 50 3.74 -1.58 -9.17
C ALA A 50 4.00 -0.45 -10.16
N LYS A 51 5.29 -0.15 -10.35
CA LYS A 51 5.68 0.96 -11.20
C LYS A 51 5.43 0.64 -12.67
N GLN A 52 5.14 1.69 -13.44
CA GLN A 52 4.88 1.62 -14.88
C GLN A 52 3.72 0.70 -15.22
N PRO A 53 2.49 1.03 -14.84
CA PRO A 53 1.33 0.28 -15.33
C PRO A 53 0.82 0.85 -16.64
N ALA A 54 0.24 -0.02 -17.46
CA ALA A 54 -0.17 0.34 -18.81
C ALA A 54 -1.64 0.71 -18.82
N THR A 55 -1.93 1.99 -19.08
CA THR A 55 -3.31 2.46 -19.16
C THR A 55 -4.03 1.80 -20.32
N LEU A 56 -5.15 1.14 -20.04
CA LEU A 56 -5.90 0.39 -21.04
C LEU A 56 -7.06 1.17 -21.63
N ARG A 57 -7.84 1.86 -20.78
CA ARG A 57 -9.01 2.60 -21.24
C ARG A 57 -9.41 3.60 -20.15
N LYS A 58 -9.94 4.74 -20.58
CA LYS A 58 -10.28 5.83 -19.68
C LYS A 58 -11.77 6.14 -19.81
N TYR A 59 -12.53 5.90 -18.74
CA TYR A 59 -13.95 6.17 -18.72
C TYR A 59 -14.25 7.48 -18.01
N CYS A 60 -15.30 8.15 -18.45
CA CYS A 60 -15.76 9.39 -17.83
C CYS A 60 -16.94 9.09 -16.91
N ILE A 61 -16.92 9.69 -15.71
CA ILE A 61 -17.97 9.47 -14.73
C ILE A 61 -18.70 10.74 -14.35
N GLU A 62 -18.19 11.92 -14.73
CA GLU A 62 -18.90 13.17 -14.44
C GLU A 62 -18.55 14.16 -15.55
N ALA A 63 -19.55 14.51 -16.36
CA ALA A 63 -19.38 15.41 -17.49
C ALA A 63 -20.32 16.60 -17.34
N LYS A 64 -20.21 17.54 -18.29
CA LYS A 64 -21.03 18.74 -18.28
C LYS A 64 -21.17 19.25 -19.71
N LEU A 65 -22.35 19.76 -20.04
CA LEU A 65 -22.67 20.21 -21.39
C LEU A 65 -22.68 21.74 -21.44
N THR A 66 -22.00 22.30 -22.44
CA THR A 66 -21.99 23.73 -22.68
C THR A 66 -22.12 23.97 -24.19
N ASN A 67 -22.22 25.23 -24.57
CA ASN A 67 -22.27 25.65 -25.97
C ASN A 67 -23.38 24.92 -26.73
N THR A 68 -24.60 25.08 -26.24
CA THR A 68 -25.76 24.42 -26.84
C THR A 68 -26.35 25.31 -27.92
N THR A 69 -26.43 24.79 -29.14
CA THR A 69 -26.97 25.51 -30.28
C THR A 69 -28.16 24.76 -30.86
N THR A 70 -29.06 25.50 -31.50
CA THR A 70 -30.27 24.94 -32.08
C THR A 70 -30.59 25.67 -33.37
N GLU A 71 -31.00 24.92 -34.39
CA GLU A 71 -31.37 25.51 -35.67
C GLU A 71 -32.56 24.77 -36.26
N SER A 72 -33.54 25.52 -36.73
CA SER A 72 -34.77 24.96 -37.28
C SER A 72 -34.96 25.43 -38.73
N ARG A 73 -35.88 24.76 -39.42
CA ARG A 73 -36.26 25.10 -40.77
C ARG A 73 -37.77 25.02 -40.91
N CYS A 74 -38.27 25.44 -42.06
CA CYS A 74 -39.68 25.38 -42.39
C CYS A 74 -39.97 24.17 -43.27
N PRO A 75 -41.23 23.75 -43.38
CA PRO A 75 -41.56 22.66 -44.29
C PRO A 75 -41.12 22.95 -45.71
N THR A 76 -40.60 21.91 -46.38
CA THR A 76 -40.08 22.02 -47.75
C THR A 76 -38.97 23.06 -47.84
N GLN A 77 -38.10 23.09 -46.84
CA GLN A 77 -36.94 23.97 -46.85
C GLN A 77 -35.64 23.24 -46.57
N GLY A 78 -35.67 21.93 -46.38
CA GLY A 78 -34.48 21.16 -46.09
C GLY A 78 -34.23 21.03 -44.60
N GLU A 79 -33.29 20.14 -44.28
CA GLU A 79 -32.93 19.90 -42.89
C GLU A 79 -31.90 20.94 -42.43
N PRO A 80 -31.96 21.36 -41.17
CA PRO A 80 -31.03 22.39 -40.69
C PRO A 80 -29.77 21.81 -40.06
N SER A 81 -28.76 21.54 -40.88
CA SER A 81 -27.52 20.95 -40.38
C SER A 81 -26.64 22.02 -39.75
N LEU A 82 -26.05 21.68 -38.61
CA LEU A 82 -25.14 22.57 -37.89
C LEU A 82 -23.69 22.17 -38.13
N ASN A 83 -22.80 23.14 -37.96
CA ASN A 83 -21.38 22.88 -38.11
C ASN A 83 -20.83 22.00 -36.98
N GLU A 84 -21.52 21.97 -35.84
CA GLU A 84 -21.08 21.16 -34.71
C GLU A 84 -21.30 19.67 -34.93
N GLU A 85 -22.01 19.28 -36.00
CA GLU A 85 -22.17 17.87 -36.31
C GLU A 85 -20.84 17.25 -36.74
N GLN A 86 -19.93 18.04 -37.27
CA GLN A 86 -18.61 17.58 -37.68
C GLN A 86 -17.55 17.76 -36.60
N ASP A 87 -17.94 17.68 -35.32
CA ASP A 87 -17.05 17.85 -34.20
C ASP A 87 -17.31 16.74 -33.20
N LYS A 88 -16.30 15.89 -32.98
CA LYS A 88 -16.44 14.77 -32.05
C LYS A 88 -16.58 15.23 -30.60
N ARG A 89 -16.31 16.50 -30.31
CA ARG A 89 -16.52 17.07 -28.99
C ARG A 89 -17.98 17.44 -28.73
N PHE A 90 -18.84 17.30 -29.73
CA PHE A 90 -20.25 17.66 -29.64
C PHE A 90 -21.12 16.43 -29.83
N VAL A 91 -22.36 16.54 -29.35
CA VAL A 91 -23.39 15.53 -29.56
C VAL A 91 -24.63 16.26 -30.06
N CYS A 92 -25.25 15.73 -31.12
CA CYS A 92 -26.36 16.38 -31.79
C CYS A 92 -27.59 15.49 -31.80
N LYS A 93 -28.72 16.08 -32.18
CA LYS A 93 -29.98 15.36 -32.28
C LYS A 93 -30.88 16.06 -33.28
N HIS A 94 -31.47 15.26 -34.18
CA HIS A 94 -32.44 15.73 -35.16
C HIS A 94 -33.85 15.47 -34.66
N SER A 95 -34.79 16.26 -35.19
CA SER A 95 -36.20 16.10 -34.85
C SER A 95 -37.04 16.87 -35.86
N MET A 96 -38.35 16.66 -35.77
CA MET A 96 -39.32 17.38 -36.59
C MET A 96 -40.41 17.94 -35.68
N VAL A 97 -40.88 19.15 -36.01
CA VAL A 97 -41.90 19.84 -35.21
C VAL A 97 -42.97 20.37 -36.16
N ASP A 98 -44.05 20.85 -35.57
CA ASP A 98 -45.15 21.45 -36.33
C ASP A 98 -44.86 22.93 -36.54
N ARG A 99 -44.98 23.38 -37.79
CA ARG A 99 -44.65 24.74 -38.17
C ARG A 99 -45.79 25.35 -39.00
N GLY A 100 -46.04 26.64 -38.76
CA GLY A 100 -47.07 27.37 -39.47
C GLY A 100 -46.97 28.87 -39.28
N TRP A 101 -48.07 29.51 -38.84
CA TRP A 101 -48.10 30.96 -38.71
C TRP A 101 -47.46 31.44 -37.41
N GLY A 102 -48.02 31.01 -36.28
CA GLY A 102 -47.62 31.52 -34.97
C GLY A 102 -46.17 31.28 -34.62
N ASN A 103 -45.46 30.47 -35.39
CA ASN A 103 -44.03 30.25 -35.17
C ASN A 103 -43.17 30.80 -36.32
N GLY A 104 -43.76 31.59 -37.20
CA GLY A 104 -43.01 32.28 -38.23
C GLY A 104 -42.35 31.39 -39.27
N CYS A 105 -43.16 30.76 -40.12
CA CYS A 105 -42.64 29.95 -41.22
C CYS A 105 -43.50 30.19 -42.45
N ASP A 106 -43.10 29.55 -43.56
CA ASP A 106 -43.79 29.69 -44.83
C ASP A 106 -45.22 29.18 -44.73
N LEU A 107 -45.38 27.87 -44.63
CA LEU A 107 -46.71 27.26 -44.57
C LEU A 107 -46.82 26.32 -43.37
N PHE A 108 -47.69 25.32 -43.48
CA PHE A 108 -47.93 24.36 -42.42
C PHE A 108 -47.16 23.06 -42.69
N GLY A 109 -46.83 22.37 -41.62
CA GLY A 109 -46.36 21.00 -41.78
C GLY A 109 -45.20 20.69 -40.86
N LYS A 110 -44.50 19.60 -41.19
CA LYS A 110 -43.37 19.13 -40.40
C LYS A 110 -42.10 19.84 -40.85
N GLY A 111 -41.52 20.62 -39.94
CA GLY A 111 -40.25 21.29 -40.19
C GLY A 111 -39.15 20.66 -39.35
N GLY A 112 -37.99 20.47 -39.97
CA GLY A 112 -36.89 19.86 -39.28
C GLY A 112 -36.23 20.81 -38.29
N ILE A 113 -35.48 20.21 -37.37
CA ILE A 113 -34.77 20.97 -36.34
C ILE A 113 -33.62 20.12 -35.83
N VAL A 114 -32.53 20.77 -35.43
CA VAL A 114 -31.33 20.09 -34.97
C VAL A 114 -30.77 20.85 -33.76
N THR A 115 -30.41 20.11 -32.71
CA THR A 115 -29.85 20.69 -31.51
C THR A 115 -28.55 19.97 -31.16
N CYS A 116 -27.49 20.75 -30.92
CA CYS A 116 -26.18 20.20 -30.60
C CYS A 116 -25.68 20.80 -29.28
N ALA A 117 -24.81 20.05 -28.60
CA ALA A 117 -24.25 20.50 -27.34
C ALA A 117 -22.83 19.95 -27.19
N MET A 118 -21.94 20.77 -26.64
CA MET A 118 -20.54 20.37 -26.46
C MET A 118 -20.41 19.45 -25.25
N PHE A 119 -19.82 18.27 -25.48
CA PHE A 119 -19.59 17.31 -24.42
C PHE A 119 -18.21 17.56 -23.81
N ARG A 120 -18.19 17.90 -22.52
CA ARG A 120 -16.94 18.17 -21.81
C ARG A 120 -16.96 17.38 -20.51
N CYS A 121 -16.04 16.42 -20.38
CA CYS A 121 -15.94 15.62 -19.16
C CYS A 121 -15.18 16.37 -18.09
N LYS A 122 -15.65 16.26 -16.84
CA LYS A 122 -15.03 16.93 -15.71
C LYS A 122 -14.20 15.95 -14.88
N LYS A 123 -14.81 14.89 -14.38
CA LYS A 123 -14.13 13.90 -13.56
C LYS A 123 -14.22 12.54 -14.24
N ASN A 124 -13.09 11.82 -14.28
CA ASN A 124 -13.00 10.57 -15.01
C ASN A 124 -12.03 9.63 -14.30
N MET A 125 -12.40 8.37 -14.21
CA MET A 125 -11.57 7.34 -13.62
C MET A 125 -10.67 6.70 -14.67
N GLU A 126 -9.82 5.76 -14.26
CA GLU A 126 -8.91 5.11 -15.19
C GLU A 126 -8.81 3.63 -14.88
N GLY A 127 -8.33 2.88 -15.88
CA GLY A 127 -8.08 1.47 -15.73
C GLY A 127 -6.74 1.09 -16.35
N LYS A 128 -5.96 0.27 -15.65
CA LYS A 128 -4.62 -0.07 -16.10
C LYS A 128 -4.37 -1.57 -15.97
N VAL A 129 -3.77 -2.15 -17.00
CA VAL A 129 -3.23 -3.49 -16.90
C VAL A 129 -1.86 -3.41 -16.25
N VAL A 130 -1.63 -4.26 -15.26
CA VAL A 130 -0.41 -4.24 -14.46
C VAL A 130 0.43 -5.46 -14.80
N GLN A 131 1.74 -5.25 -14.94
CA GLN A 131 2.64 -6.35 -15.22
C GLN A 131 3.14 -6.97 -13.92
N PRO A 132 3.20 -8.31 -13.84
CA PRO A 132 3.63 -8.95 -12.59
C PRO A 132 5.14 -8.96 -12.42
N GLU A 133 5.89 -9.09 -13.52
CA GLU A 133 7.33 -9.29 -13.42
C GLU A 133 8.05 -8.01 -12.98
N ASN A 134 7.59 -6.86 -13.47
CA ASN A 134 8.20 -5.58 -13.12
C ASN A 134 7.67 -5.01 -11.81
N LEU A 135 7.24 -5.86 -10.89
CA LEU A 135 6.86 -5.42 -9.56
C LEU A 135 8.10 -5.12 -8.71
N GLU A 136 7.90 -4.29 -7.69
CA GLU A 136 8.99 -3.87 -6.81
C GLU A 136 8.55 -4.03 -5.37
N TYR A 137 9.39 -4.68 -4.56
CA TYR A 137 9.12 -4.89 -3.14
C TYR A 137 10.20 -4.22 -2.33
N THR A 138 9.79 -3.39 -1.37
CA THR A 138 10.69 -2.71 -0.46
C THR A 138 10.72 -3.45 0.87
N ILE A 139 11.90 -3.87 1.30
CA ILE A 139 12.06 -4.62 2.54
C ILE A 139 13.00 -3.85 3.45
N VAL A 140 12.67 -3.81 4.74
CA VAL A 140 13.49 -3.16 5.75
C VAL A 140 14.04 -4.22 6.68
N ILE A 141 15.36 -4.28 6.79
CA ILE A 141 16.07 -5.14 7.73
C ILE A 141 16.65 -4.25 8.82
N THR A 142 16.28 -4.53 10.07
CA THR A 142 16.73 -3.73 11.19
C THR A 142 17.44 -4.63 12.21
N PRO A 143 18.66 -4.29 12.60
CA PRO A 143 19.33 -5.05 13.68
C PRO A 143 18.64 -4.81 15.00
N HIS A 144 18.13 -5.88 15.60
CA HIS A 144 17.38 -5.79 16.87
C HIS A 144 18.36 -5.44 17.99
N SER A 145 18.66 -4.15 18.08
CA SER A 145 19.58 -3.63 19.09
C SER A 145 18.90 -2.82 20.18
N GLY A 146 17.78 -2.17 19.87
CA GLY A 146 17.06 -1.38 20.86
C GLY A 146 17.47 0.07 20.94
N GLU A 147 18.22 0.58 19.98
CA GLU A 147 18.66 1.98 20.00
C GLU A 147 17.86 2.83 19.02
N GLY A 159 16.57 1.80 9.75
CA GLY A 159 16.70 0.47 9.17
C GLY A 159 17.35 0.49 7.80
N LYS A 160 17.75 -0.69 7.32
CA LYS A 160 18.39 -0.85 6.03
C LYS A 160 17.36 -1.28 5.01
N GLU A 161 17.14 -0.46 3.98
CA GLU A 161 16.16 -0.78 2.95
C GLU A 161 16.81 -1.57 1.82
N ILE A 162 15.97 -2.31 1.11
CA ILE A 162 16.41 -3.09 -0.06
C ILE A 162 15.23 -3.26 -1.00
N LYS A 163 15.45 -2.98 -2.28
CA LYS A 163 14.44 -3.15 -3.32
C LYS A 163 14.70 -4.46 -4.06
N ILE A 164 13.65 -5.27 -4.21
CA ILE A 164 13.77 -6.55 -4.90
C ILE A 164 12.68 -6.64 -5.95
N THR A 165 12.95 -7.46 -6.98
CA THR A 165 12.05 -7.69 -8.10
C THR A 165 12.19 -9.13 -8.53
N PRO A 166 11.13 -9.75 -9.07
CA PRO A 166 11.23 -11.14 -9.51
C PRO A 166 12.30 -11.36 -10.58
N GLN A 167 12.77 -10.33 -11.25
CA GLN A 167 13.84 -10.45 -12.23
C GLN A 167 15.23 -10.38 -11.61
N SER A 168 15.33 -10.06 -10.31
CA SER A 168 16.60 -10.07 -9.59
C SER A 168 16.28 -10.41 -8.14
N SER A 169 16.02 -11.70 -7.89
CA SER A 169 15.62 -12.15 -6.57
C SER A 169 16.78 -12.27 -5.59
N ILE A 170 18.01 -12.37 -6.09
CA ILE A 170 19.19 -12.49 -5.24
C ILE A 170 19.73 -11.10 -4.96
N THR A 171 20.18 -10.87 -3.72
CA THR A 171 20.69 -9.57 -3.31
C THR A 171 21.60 -9.76 -2.10
N GLU A 172 22.14 -8.64 -1.61
CA GLU A 172 22.99 -8.61 -0.44
C GLU A 172 22.46 -7.56 0.53
N ALA A 173 23.03 -7.54 1.74
CA ALA A 173 22.57 -6.61 2.76
C ALA A 173 23.78 -6.24 3.63
N GLU A 174 24.38 -5.08 3.34
CA GLU A 174 25.51 -4.57 4.12
C GLU A 174 24.97 -3.87 5.36
N LEU A 175 24.79 -4.63 6.43
CA LEU A 175 24.29 -4.07 7.68
C LEU A 175 25.36 -3.18 8.32
N THR A 176 24.88 -2.25 9.16
CA THR A 176 25.74 -1.24 9.78
C THR A 176 26.52 -1.89 10.93
N GLY A 177 27.63 -2.53 10.56
CA GLY A 177 28.53 -3.10 11.54
C GLY A 177 28.17 -4.49 12.02
N TYR A 178 27.27 -5.19 11.34
CA TYR A 178 26.87 -6.54 11.73
C TYR A 178 27.23 -7.59 10.69
N GLY A 179 27.89 -7.21 9.60
CA GLY A 179 28.23 -8.16 8.56
C GLY A 179 27.30 -8.07 7.36
N THR A 180 26.89 -9.23 6.83
CA THR A 180 25.99 -9.27 5.68
C THR A 180 25.18 -10.55 5.72
N VAL A 181 24.00 -10.49 5.11
CA VAL A 181 23.07 -11.62 5.06
C VAL A 181 22.55 -11.75 3.64
N THR A 182 22.42 -12.99 3.17
CA THR A 182 21.99 -13.28 1.81
C THR A 182 20.49 -13.59 1.78
N MET A 183 19.80 -13.06 0.76
CA MET A 183 18.37 -13.23 0.63
C MET A 183 18.02 -13.76 -0.75
N GLU A 184 17.01 -14.62 -0.81
CA GLU A 184 16.45 -15.11 -2.08
C GLU A 184 14.94 -15.21 -1.94
N CYS A 185 14.21 -14.27 -2.54
CA CYS A 185 12.77 -14.20 -2.37
C CYS A 185 12.05 -14.64 -3.64
N SER A 186 10.88 -15.27 -3.44
CA SER A 186 9.98 -15.63 -4.53
C SER A 186 8.59 -15.08 -4.20
N PRO A 187 7.91 -14.45 -5.15
CA PRO A 187 6.71 -13.67 -4.81
C PRO A 187 5.39 -14.32 -5.20
N ARG A 188 4.30 -13.65 -4.81
CA ARG A 188 2.93 -13.92 -5.22
C ARG A 188 2.06 -12.79 -4.70
N THR A 189 1.10 -12.35 -5.52
CA THR A 189 0.33 -11.17 -5.12
C THR A 189 -1.10 -11.11 -5.67
N GLY A 190 -1.62 -12.17 -6.29
CA GLY A 190 -2.98 -12.10 -6.78
C GLY A 190 -3.45 -13.31 -7.58
N LEU A 191 -4.25 -13.06 -8.62
CA LEU A 191 -4.86 -14.13 -9.39
C LEU A 191 -5.08 -13.65 -10.81
N ASP A 192 -4.43 -14.32 -11.77
CA ASP A 192 -4.62 -14.09 -13.21
C ASP A 192 -4.48 -12.60 -13.55
N PHE A 193 -3.23 -12.14 -13.50
CA PHE A 193 -2.96 -10.71 -13.66
C PHE A 193 -3.08 -10.24 -15.10
N ASN A 194 -2.80 -11.10 -16.08
CA ASN A 194 -2.76 -10.65 -17.47
C ASN A 194 -4.13 -10.15 -17.95
N GLU A 195 -5.20 -10.86 -17.58
CA GLU A 195 -6.55 -10.44 -17.95
C GLU A 195 -7.29 -9.90 -16.73
N MET A 196 -6.62 -9.03 -15.97
CA MET A 196 -7.20 -8.38 -14.80
C MET A 196 -6.75 -6.93 -14.79
N VAL A 197 -7.67 -6.02 -14.52
CA VAL A 197 -7.44 -4.59 -14.65
C VAL A 197 -7.53 -3.95 -13.27
N LEU A 198 -6.53 -3.14 -12.94
CA LEU A 198 -6.58 -2.28 -11.75
C LEU A 198 -7.37 -1.02 -12.10
N LEU A 199 -8.49 -0.84 -11.42
CA LEU A 199 -9.36 0.31 -11.62
C LEU A 199 -9.08 1.34 -10.54
N GLN A 200 -8.89 2.60 -10.95
CA GLN A 200 -8.52 3.68 -10.05
C GLN A 200 -9.50 4.83 -10.23
N MET A 201 -10.12 5.27 -9.13
CA MET A 201 -11.05 6.38 -9.11
C MET A 201 -10.46 7.62 -8.46
N GLU A 202 -9.12 7.68 -8.36
CA GLU A 202 -8.41 8.79 -7.71
C GLU A 202 -8.84 8.97 -6.25
N ASN A 203 -9.22 7.88 -5.60
CA ASN A 203 -9.57 7.90 -4.18
C ASN A 203 -9.47 6.50 -3.60
N LYS A 204 -9.85 5.49 -4.39
CA LYS A 204 -9.73 4.10 -3.99
C LYS A 204 -9.23 3.32 -5.20
N ALA A 205 -9.05 2.01 -5.03
CA ALA A 205 -8.56 1.16 -6.11
C ALA A 205 -9.16 -0.23 -5.98
N TRP A 206 -9.48 -0.83 -7.12
CA TRP A 206 -10.02 -2.18 -7.17
C TRP A 206 -9.27 -2.99 -8.22
N LEU A 207 -9.46 -4.31 -8.17
CA LEU A 207 -8.92 -5.22 -9.17
C LEU A 207 -10.07 -6.02 -9.75
N VAL A 208 -10.46 -5.70 -10.98
CA VAL A 208 -11.64 -6.28 -11.60
C VAL A 208 -11.22 -7.08 -12.84
N HIS A 209 -12.19 -7.79 -13.41
CA HIS A 209 -11.92 -8.62 -14.58
C HIS A 209 -11.78 -7.73 -15.82
N ARG A 210 -11.02 -8.23 -16.80
CA ARG A 210 -10.75 -7.46 -18.00
C ARG A 210 -12.00 -7.29 -18.85
N GLN A 211 -12.72 -8.40 -19.09
CA GLN A 211 -13.92 -8.33 -19.92
C GLN A 211 -15.01 -7.51 -19.24
N TRP A 212 -15.19 -7.68 -17.93
CA TRP A 212 -16.20 -6.89 -17.22
C TRP A 212 -15.87 -5.40 -17.26
N PHE A 213 -14.58 -5.05 -17.33
CA PHE A 213 -14.19 -3.64 -17.35
C PHE A 213 -14.30 -3.05 -18.75
N LEU A 214 -13.96 -3.83 -19.78
CA LEU A 214 -13.94 -3.30 -21.14
C LEU A 214 -15.33 -2.97 -21.66
N ASP A 215 -16.38 -3.59 -21.13
CA ASP A 215 -17.73 -3.36 -21.65
C ASP A 215 -18.60 -2.58 -20.67
N LEU A 216 -18.07 -1.49 -20.13
CA LEU A 216 -18.86 -0.69 -19.21
C LEU A 216 -19.64 0.38 -19.98
N PRO A 217 -20.94 0.55 -19.72
CA PRO A 217 -21.72 1.55 -20.44
C PRO A 217 -21.39 2.98 -20.03
N LEU A 218 -20.24 3.50 -20.48
CA LEU A 218 -19.81 4.84 -20.14
C LEU A 218 -19.00 5.40 -21.31
N PRO A 219 -18.93 6.72 -21.46
CA PRO A 219 -18.09 7.31 -22.52
C PRO A 219 -16.62 7.04 -22.22
N TRP A 220 -15.95 6.37 -23.14
CA TRP A 220 -14.58 5.92 -22.92
C TRP A 220 -13.66 6.38 -24.04
N LEU A 221 -12.38 6.40 -23.73
CA LEU A 221 -11.29 6.74 -24.63
C LEU A 221 -10.22 5.66 -24.55
N PRO A 222 -9.54 5.38 -25.66
CA PRO A 222 -8.47 4.37 -25.65
C PRO A 222 -7.33 4.76 -24.73
N GLY A 223 -6.48 3.78 -24.45
CA GLY A 223 -5.36 3.98 -23.54
C GLY A 223 -4.39 5.05 -24.01
N ALA A 224 -3.84 4.89 -25.22
CA ALA A 224 -2.97 5.91 -25.78
C ALA A 224 -3.78 7.14 -26.19
N ASP A 225 -4.02 8.04 -25.24
CA ASP A 225 -4.85 9.21 -25.50
C ASP A 225 -4.51 10.31 -24.51
N THR A 226 -4.42 11.54 -25.02
CA THR A 226 -4.28 12.72 -24.18
C THR A 226 -5.30 13.80 -24.52
N GLN A 227 -6.20 13.52 -25.47
CA GLN A 227 -7.17 14.53 -25.90
C GLN A 227 -8.13 14.87 -24.76
N GLY A 228 -8.90 13.89 -24.31
CA GLY A 228 -9.91 14.12 -23.30
C GLY A 228 -11.18 14.79 -23.78
N SER A 229 -11.42 14.82 -25.09
CA SER A 229 -12.60 15.45 -25.65
C SER A 229 -13.24 14.70 -26.80
N ASN A 230 -12.53 13.82 -27.49
CA ASN A 230 -13.10 13.03 -28.60
C ASN A 230 -13.54 11.66 -28.10
N TRP A 231 -14.45 11.68 -27.11
CA TRP A 231 -14.90 10.46 -26.47
C TRP A 231 -15.71 9.60 -27.43
N ILE A 232 -16.07 8.41 -26.95
CA ILE A 232 -16.85 7.44 -27.71
C ILE A 232 -18.09 7.08 -26.90
N GLN A 233 -19.25 7.07 -27.56
CA GLN A 233 -20.53 6.76 -26.92
C GLN A 233 -20.85 7.77 -25.82
N LYS A 234 -20.93 9.05 -26.23
CA LYS A 234 -21.27 10.10 -25.30
C LYS A 234 -22.75 10.09 -24.93
N GLU A 235 -23.59 9.52 -25.80
CA GLU A 235 -25.04 9.51 -25.56
C GLU A 235 -25.41 8.78 -24.28
N THR A 236 -24.49 8.00 -23.71
CA THR A 236 -24.76 7.33 -22.44
C THR A 236 -24.90 8.31 -21.29
N LEU A 237 -24.31 9.51 -21.40
CA LEU A 237 -24.42 10.52 -20.36
C LEU A 237 -25.16 11.76 -20.86
N VAL A 238 -25.89 11.65 -21.97
CA VAL A 238 -26.55 12.78 -22.59
C VAL A 238 -27.89 12.32 -23.15
N THR A 239 -28.97 12.99 -22.78
CA THR A 239 -30.29 12.67 -23.30
C THR A 239 -31.02 13.96 -23.68
N PHE A 240 -31.69 13.91 -24.83
CA PHE A 240 -32.41 15.06 -25.36
C PHE A 240 -33.87 14.97 -24.95
N LYS A 241 -34.37 15.99 -24.24
CA LYS A 241 -35.75 16.02 -23.84
C LYS A 241 -36.64 16.29 -25.05
N ASN A 242 -37.95 16.24 -24.83
CA ASN A 242 -38.90 16.43 -25.92
C ASN A 242 -38.88 17.88 -26.39
N PRO A 243 -38.75 18.14 -27.69
CA PRO A 243 -38.74 19.53 -28.16
C PRO A 243 -40.12 20.15 -28.12
N HIS A 244 -40.17 21.43 -27.75
CA HIS A 244 -41.42 22.17 -27.71
C HIS A 244 -41.36 23.25 -28.77
N ALA A 245 -40.97 24.49 -28.44
CA ALA A 245 -40.94 25.55 -29.43
C ALA A 245 -39.74 25.43 -30.36
N LYS A 246 -38.55 25.21 -29.79
CA LYS A 246 -37.35 25.06 -30.61
C LYS A 246 -36.32 24.14 -29.95
N LYS A 247 -35.75 24.57 -28.82
CA LYS A 247 -34.65 23.83 -28.22
C LYS A 247 -35.16 22.54 -27.59
N GLN A 248 -34.47 21.43 -27.87
CA GLN A 248 -34.85 20.13 -27.34
C GLN A 248 -34.47 19.94 -25.87
N ASP A 249 -33.74 20.89 -25.29
CA ASP A 249 -33.36 20.87 -23.87
C ASP A 249 -32.59 19.58 -23.54
N VAL A 250 -31.33 19.57 -23.97
CA VAL A 250 -30.46 18.44 -23.70
C VAL A 250 -30.03 18.48 -22.23
N VAL A 251 -29.87 17.30 -21.63
CA VAL A 251 -29.57 17.20 -20.21
C VAL A 251 -28.66 16.00 -19.96
N VAL A 252 -27.74 16.16 -19.02
CA VAL A 252 -26.82 15.10 -18.63
C VAL A 252 -27.54 14.12 -17.71
N LEU A 253 -26.80 13.17 -17.14
CA LEU A 253 -27.34 12.19 -16.21
C LEU A 253 -26.65 12.28 -14.85
N GLY A 254 -26.15 13.46 -14.50
CA GLY A 254 -25.50 13.65 -13.21
C GLY A 254 -24.11 13.08 -13.15
N SER A 255 -23.77 12.44 -12.04
CA SER A 255 -22.46 11.83 -11.84
C SER A 255 -22.63 10.33 -11.61
N GLN A 256 -21.73 9.54 -12.20
CA GLN A 256 -21.77 8.09 -12.10
C GLN A 256 -20.82 7.55 -11.03
N GLU A 257 -20.35 8.41 -10.13
CA GLU A 257 -19.43 7.97 -9.09
C GLU A 257 -20.10 6.98 -8.15
N GLY A 258 -21.33 7.26 -7.73
CA GLY A 258 -22.04 6.34 -6.85
C GLY A 258 -22.37 5.02 -7.52
N TRP A 259 -22.72 5.07 -8.81
CA TRP A 259 -23.00 3.83 -9.54
C TRP A 259 -21.76 2.94 -9.60
N MET A 260 -20.59 3.55 -9.81
CA MET A 260 -19.36 2.76 -9.82
C MET A 260 -19.02 2.24 -8.43
N HIS A 261 -19.17 3.07 -7.40
CA HIS A 261 -18.88 2.63 -6.04
C HIS A 261 -19.79 1.49 -5.61
N ARG A 262 -21.03 1.46 -6.11
CA ARG A 262 -21.95 0.37 -5.79
C ARG A 262 -21.73 -0.87 -6.65
N ALA A 263 -21.38 -0.70 -7.92
CA ALA A 263 -21.18 -1.84 -8.81
C ALA A 263 -19.92 -2.63 -8.46
N LEU A 264 -18.97 -2.01 -7.77
CA LEU A 264 -17.71 -2.66 -7.40
C LEU A 264 -17.79 -3.37 -6.05
N THR A 265 -18.96 -3.87 -5.67
CA THR A 265 -19.08 -4.54 -4.38
C THR A 265 -18.44 -5.91 -4.40
N GLY A 266 -18.72 -6.71 -5.43
CA GLY A 266 -18.17 -8.04 -5.54
C GLY A 266 -16.79 -8.08 -6.18
N ALA A 267 -16.04 -7.00 -6.03
CA ALA A 267 -14.68 -6.94 -6.58
C ALA A 267 -13.65 -7.19 -5.50
N THR A 268 -12.46 -6.61 -5.65
CA THR A 268 -11.38 -6.76 -4.67
C THR A 268 -10.73 -5.39 -4.50
N GLU A 269 -10.96 -4.76 -3.36
CA GLU A 269 -10.46 -3.42 -3.10
C GLU A 269 -9.05 -3.48 -2.52
N ILE A 270 -8.30 -2.40 -2.73
CA ILE A 270 -6.93 -2.27 -2.24
C ILE A 270 -6.83 -0.97 -1.46
N GLN A 271 -6.45 -1.06 -0.20
CA GLN A 271 -6.30 0.13 0.64
C GLN A 271 -5.05 0.89 0.22
N MET A 272 -4.85 2.06 0.84
CA MET A 272 -3.73 2.93 0.52
C MET A 272 -3.10 3.45 1.80
N SER A 273 -1.83 3.84 1.69
CA SER A 273 -1.15 4.55 2.76
C SER A 273 -0.79 5.95 2.28
N SER A 274 -1.80 6.69 1.82
CA SER A 274 -1.64 8.01 1.22
C SER A 274 -0.71 7.94 0.00
N GLY A 275 -1.25 7.36 -1.07
CA GLY A 275 -0.52 7.24 -2.32
C GLY A 275 -0.01 5.84 -2.59
N ASN A 276 0.58 5.20 -1.59
CA ASN A 276 1.16 3.87 -1.76
C ASN A 276 0.06 2.81 -1.75
N LEU A 277 0.04 1.98 -2.78
CA LEU A 277 -0.96 0.91 -2.88
C LEU A 277 -0.51 -0.28 -2.03
N LEU A 278 -1.44 -0.81 -1.24
CA LEU A 278 -1.17 -1.94 -0.34
C LEU A 278 -1.57 -3.22 -1.07
N TRP A 279 -0.67 -3.71 -1.91
CA TRP A 279 -0.92 -4.93 -2.66
C TRP A 279 -0.85 -6.14 -1.76
N PRO A 280 -1.90 -6.96 -1.67
CA PRO A 280 -1.82 -8.17 -0.84
C PRO A 280 -0.96 -9.23 -1.51
N GLY A 281 -0.34 -10.05 -0.68
CA GLY A 281 0.57 -11.08 -1.16
C GLY A 281 1.69 -11.31 -0.17
N HIS A 282 2.38 -12.43 -0.37
CA HIS A 282 3.44 -12.84 0.53
C HIS A 282 4.68 -13.22 -0.27
N LEU A 283 5.84 -12.80 0.22
CA LEU A 283 7.14 -13.19 -0.31
C LEU A 283 7.69 -14.33 0.52
N LYS A 284 8.10 -15.41 -0.13
CA LYS A 284 8.75 -16.53 0.54
C LYS A 284 10.25 -16.39 0.30
N CYS A 285 11.01 -16.13 1.36
CA CYS A 285 12.42 -15.76 1.23
C CYS A 285 13.30 -16.75 1.97
N ARG A 286 14.46 -17.03 1.39
CA ARG A 286 15.53 -17.79 2.04
C ARG A 286 16.58 -16.82 2.56
N LEU A 287 16.97 -17.00 3.82
CA LEU A 287 17.99 -16.19 4.47
C LEU A 287 19.21 -17.05 4.76
N ARG A 288 20.39 -16.51 4.45
CA ARG A 288 21.66 -17.15 4.78
C ARG A 288 22.45 -16.16 5.63
N MET A 289 22.58 -16.47 6.91
CA MET A 289 23.15 -15.56 7.91
C MET A 289 24.54 -16.00 8.37
N ASP A 290 25.21 -16.87 7.60
CA ASP A 290 26.52 -17.35 7.99
C ASP A 290 27.60 -16.27 7.91
N LYS A 291 27.33 -15.15 7.26
CA LYS A 291 28.28 -14.04 7.16
C LYS A 291 27.85 -12.86 8.03
N LEU A 292 27.23 -13.13 9.17
CA LEU A 292 26.80 -12.09 10.10
C LEU A 292 27.66 -12.15 11.35
N GLN A 293 28.14 -10.99 11.78
CA GLN A 293 28.91 -10.85 13.00
C GLN A 293 28.13 -10.02 14.02
N LEU A 294 28.48 -10.20 15.29
CA LEU A 294 27.81 -9.50 16.37
C LEU A 294 28.56 -8.22 16.68
N LYS A 295 27.86 -7.08 16.61
CA LYS A 295 28.44 -5.78 16.91
C LYS A 295 28.70 -5.70 18.41
N GLY A 296 29.95 -5.93 18.82
CA GLY A 296 30.31 -5.88 20.22
C GLY A 296 31.39 -6.88 20.58
N MET A 297 31.02 -7.91 21.34
CA MET A 297 31.95 -8.97 21.75
C MET A 297 33.14 -8.40 22.52
N SER A 298 34.14 -7.89 21.80
CA SER A 298 35.32 -7.33 22.43
C SER A 298 35.00 -6.03 23.13
N TYR A 299 34.25 -6.11 24.23
CA TYR A 299 33.86 -4.93 25.01
C TYR A 299 33.99 -5.25 26.48
N SER A 300 34.44 -4.27 27.26
CA SER A 300 34.51 -4.42 28.70
C SER A 300 33.11 -4.42 29.30
N MET A 301 33.01 -4.92 30.52
CA MET A 301 31.74 -4.91 31.24
C MET A 301 31.51 -3.55 31.88
N CYS A 302 30.24 -3.15 31.95
CA CYS A 302 29.90 -1.85 32.52
C CYS A 302 30.17 -1.84 34.02
N THR A 303 30.22 -0.62 34.57
CA THR A 303 30.52 -0.46 36.00
C THR A 303 29.42 -1.08 36.86
N GLY A 304 28.16 -0.89 36.48
CA GLY A 304 27.07 -1.54 37.18
C GLY A 304 26.02 -0.61 37.76
N LYS A 305 25.83 0.54 37.14
CA LYS A 305 24.79 1.48 37.54
C LYS A 305 23.81 1.67 36.40
N PHE A 306 22.54 1.37 36.65
CA PHE A 306 21.48 1.53 35.66
C PHE A 306 20.22 2.02 36.36
N LYS A 307 19.58 3.02 35.76
CA LYS A 307 18.32 3.56 36.26
C LYS A 307 17.21 3.23 35.28
N VAL A 308 16.15 2.61 35.77
CA VAL A 308 15.07 2.12 34.92
C VAL A 308 14.34 3.33 34.34
N VAL A 309 14.46 3.53 33.03
CA VAL A 309 13.62 4.51 32.35
C VAL A 309 12.15 4.12 32.48
N LYS A 310 11.85 2.85 32.18
CA LYS A 310 10.54 2.29 32.48
C LYS A 310 10.66 0.77 32.51
N GLU A 311 10.06 0.17 33.54
CA GLU A 311 10.32 -1.23 33.89
C GLU A 311 9.54 -2.19 33.02
N ILE A 312 9.20 -3.36 33.58
CA ILE A 312 8.79 -4.51 32.79
C ILE A 312 7.47 -4.27 32.10
N ALA A 313 7.33 -4.83 30.89
CA ALA A 313 6.10 -4.75 30.12
C ALA A 313 6.15 -5.85 29.07
N GLU A 314 5.23 -6.80 29.14
CA GLU A 314 5.22 -7.93 28.21
C GLU A 314 4.57 -7.52 26.89
N THR A 315 5.10 -8.06 25.80
CA THR A 315 4.56 -7.80 24.47
C THR A 315 3.40 -8.76 24.20
N GLN A 316 2.90 -8.76 22.97
CA GLN A 316 1.82 -9.63 22.54
C GLN A 316 2.31 -10.97 22.04
N HIS A 317 3.57 -11.33 22.32
CA HIS A 317 4.13 -12.59 21.86
C HIS A 317 4.99 -13.26 22.94
N GLY A 318 4.59 -13.09 24.21
CA GLY A 318 5.27 -13.76 25.30
C GLY A 318 6.53 -13.06 25.79
N THR A 319 7.21 -12.34 24.89
CA THR A 319 8.45 -11.69 25.25
C THR A 319 8.19 -10.45 26.11
N ILE A 320 9.18 -10.08 26.90
CA ILE A 320 9.08 -8.97 27.84
C ILE A 320 10.20 -7.98 27.55
N VAL A 321 9.90 -6.69 27.80
CA VAL A 321 10.77 -5.58 27.42
C VAL A 321 10.92 -4.62 28.59
N ILE A 322 12.14 -4.10 28.77
CA ILE A 322 12.43 -3.07 29.75
C ILE A 322 13.32 -2.02 29.09
N ARG A 323 13.05 -0.74 29.37
CA ARG A 323 13.88 0.34 28.85
C ARG A 323 14.63 1.00 30.00
N VAL A 324 15.95 1.09 29.85
CA VAL A 324 16.81 1.63 30.90
C VAL A 324 17.82 2.60 30.28
N GLN A 325 18.48 3.36 31.15
CA GLN A 325 19.53 4.29 30.76
C GLN A 325 20.78 4.00 31.57
N TYR A 326 21.94 4.18 30.93
CA TYR A 326 23.21 3.88 31.61
C TYR A 326 23.49 4.88 32.72
N GLU A 327 23.48 6.17 32.38
CA GLU A 327 23.75 7.26 33.32
C GLU A 327 25.18 7.21 33.85
N GLY A 328 25.62 6.06 34.35
CA GLY A 328 26.98 5.92 34.82
C GLY A 328 27.99 5.98 33.68
N ASP A 329 29.25 6.17 34.07
CA ASP A 329 30.35 6.30 33.12
C ASP A 329 31.14 5.00 33.05
N GLY A 330 31.49 4.60 31.82
CA GLY A 330 32.26 3.39 31.62
C GLY A 330 32.43 3.04 30.15
N SER A 331 32.36 4.06 29.27
CA SER A 331 32.56 3.92 27.84
C SER A 331 31.45 3.05 27.23
N PRO A 332 31.47 2.78 25.92
CA PRO A 332 30.60 1.72 25.39
C PRO A 332 30.98 0.38 25.97
N CYS A 333 30.04 -0.25 26.67
CA CYS A 333 30.30 -1.49 27.40
C CYS A 333 29.12 -2.44 27.23
N LYS A 334 29.34 -3.69 27.64
CA LYS A 334 28.31 -4.72 27.58
C LYS A 334 27.51 -4.72 28.89
N ILE A 335 26.22 -4.99 28.78
CA ILE A 335 25.30 -4.91 29.91
C ILE A 335 25.31 -6.26 30.63
N PRO A 336 25.66 -6.32 31.92
CA PRO A 336 25.49 -7.57 32.67
C PRO A 336 24.02 -7.90 32.85
N PHE A 337 23.54 -8.94 32.16
CA PHE A 337 22.12 -9.26 32.13
C PHE A 337 21.94 -10.76 32.32
N GLU A 338 21.23 -11.15 33.37
CA GLU A 338 21.00 -12.56 33.65
C GLU A 338 19.54 -12.78 34.04
N ILE A 339 19.02 -13.94 33.67
CA ILE A 339 17.67 -14.37 34.04
C ILE A 339 17.82 -15.48 35.07
N MET A 340 17.34 -15.24 36.28
CA MET A 340 17.55 -16.14 37.41
C MET A 340 16.23 -16.72 37.90
N ASP A 341 16.35 -17.81 38.66
CA ASP A 341 15.22 -18.47 39.31
C ASP A 341 14.56 -17.57 40.35
N LEU A 342 13.65 -18.13 41.13
CA LEU A 342 13.17 -17.42 42.32
C LEU A 342 14.32 -17.12 43.27
N GLU A 343 15.31 -18.00 43.33
CA GLU A 343 16.59 -17.70 43.97
C GLU A 343 17.58 -17.23 42.91
N LYS A 344 18.80 -17.75 42.97
CA LYS A 344 19.80 -17.47 41.94
C LYS A 344 20.57 -18.74 41.60
N ARG A 345 19.85 -19.85 41.41
CA ARG A 345 20.48 -21.14 41.14
C ARG A 345 21.10 -21.23 39.75
N HIS A 346 20.26 -21.33 38.72
CA HIS A 346 20.71 -21.46 37.34
C HIS A 346 20.09 -20.36 36.49
N VAL A 347 20.64 -20.20 35.28
CA VAL A 347 20.11 -19.24 34.32
C VAL A 347 18.89 -19.85 33.66
N LEU A 348 17.86 -19.03 33.42
CA LEU A 348 16.58 -19.52 32.94
C LEU A 348 16.37 -19.05 31.51
N GLY A 349 15.53 -18.05 31.27
CA GLY A 349 15.12 -17.73 29.92
C GLY A 349 16.26 -17.20 29.06
N ARG A 350 16.06 -17.29 27.75
CA ARG A 350 17.04 -16.83 26.78
C ARG A 350 16.87 -15.33 26.56
N LEU A 351 17.71 -14.78 25.68
CA LEU A 351 17.73 -13.35 25.40
C LEU A 351 17.44 -13.11 23.93
N ILE A 352 16.54 -12.18 23.66
CA ILE A 352 16.19 -11.83 22.28
C ILE A 352 17.16 -10.79 21.72
N THR A 353 17.38 -9.70 22.46
CA THR A 353 18.35 -8.68 22.08
C THR A 353 19.73 -9.16 22.50
N VAL A 354 20.34 -9.98 21.63
CA VAL A 354 21.60 -10.63 21.96
C VAL A 354 22.69 -9.59 22.14
N ASN A 355 23.46 -9.74 23.23
CA ASN A 355 24.58 -8.86 23.58
C ASN A 355 24.13 -7.40 23.62
N PRO A 356 23.44 -6.98 24.67
CA PRO A 356 23.03 -5.57 24.77
C PRO A 356 24.24 -4.67 24.99
N ILE A 357 24.46 -3.75 24.04
CA ILE A 357 25.60 -2.84 24.10
C ILE A 357 25.12 -1.47 24.55
N VAL A 358 26.03 -0.49 24.52
CA VAL A 358 25.71 0.89 24.87
C VAL A 358 26.49 1.80 23.92
N THR A 359 25.78 2.68 23.22
CA THR A 359 26.46 3.66 22.38
C THR A 359 26.92 4.85 23.22
N GLU A 360 26.03 5.38 24.07
CA GLU A 360 26.35 6.50 24.95
C GLU A 360 25.65 6.28 26.29
N LYS A 361 26.22 6.90 27.33
CA LYS A 361 25.64 6.79 28.66
C LYS A 361 24.29 7.49 28.76
N ASP A 362 24.03 8.47 27.89
CA ASP A 362 22.77 9.22 27.93
C ASP A 362 21.70 8.66 27.01
N SER A 363 22.08 7.83 26.05
CA SER A 363 21.11 7.28 25.10
C SER A 363 20.35 6.12 25.75
N PRO A 364 19.03 6.22 25.90
CA PRO A 364 18.27 5.10 26.47
C PRO A 364 18.30 3.89 25.57
N VAL A 365 18.27 2.71 26.19
CA VAL A 365 18.34 1.44 25.49
C VAL A 365 17.24 0.53 25.98
N ASN A 366 16.57 -0.14 25.05
CA ASN A 366 15.57 -1.16 25.35
C ASN A 366 16.21 -2.54 25.34
N ILE A 367 15.55 -3.48 26.01
CA ILE A 367 16.01 -4.88 26.01
C ILE A 367 14.79 -5.78 26.10
N GLU A 368 14.85 -6.91 25.38
CA GLU A 368 13.74 -7.85 25.26
C GLU A 368 14.25 -9.26 25.47
N ALA A 369 13.47 -10.06 26.18
CA ALA A 369 13.83 -11.46 26.44
C ALA A 369 12.58 -12.24 26.80
N GLU A 370 12.67 -13.57 26.67
CA GLU A 370 11.54 -14.44 26.99
C GLU A 370 11.80 -15.17 28.30
N PRO A 371 10.98 -14.95 29.32
CA PRO A 371 11.19 -15.64 30.60
C PRO A 371 10.43 -16.95 30.64
N PRO A 372 10.70 -17.81 31.64
CA PRO A 372 9.91 -19.04 31.79
C PRO A 372 8.62 -18.81 32.54
N PHE A 373 7.98 -19.88 32.98
CA PHE A 373 6.69 -19.78 33.66
C PHE A 373 6.84 -19.15 35.03
N GLY A 374 5.80 -18.42 35.44
CA GLY A 374 5.69 -17.99 36.84
C GLY A 374 6.74 -16.95 37.20
N ASP A 375 7.33 -17.12 38.38
CA ASP A 375 8.24 -16.13 38.94
C ASP A 375 9.61 -16.23 38.29
N SER A 376 10.20 -15.07 38.02
CA SER A 376 11.54 -15.00 37.44
C SER A 376 12.23 -13.73 37.92
N TYR A 377 13.55 -13.77 37.99
CA TYR A 377 14.35 -12.63 38.39
C TYR A 377 15.18 -12.14 37.21
N ILE A 378 15.42 -10.84 37.17
CA ILE A 378 16.24 -10.20 36.16
C ILE A 378 17.33 -9.44 36.89
N ILE A 379 18.57 -9.90 36.75
CA ILE A 379 19.73 -9.24 37.34
C ILE A 379 20.40 -8.44 36.25
N ILE A 380 20.29 -7.11 36.34
CA ILE A 380 20.91 -6.22 35.36
C ILE A 380 21.75 -5.19 36.11
N GLY A 381 23.05 -5.21 35.87
CA GLY A 381 23.98 -4.30 36.51
C GLY A 381 24.81 -5.01 37.57
N VAL A 382 26.08 -4.62 37.67
CA VAL A 382 26.94 -5.16 38.71
C VAL A 382 26.46 -4.67 40.07
N GLU A 383 26.95 -5.31 41.13
CA GLU A 383 26.46 -5.04 42.48
C GLU A 383 26.47 -3.58 42.89
N PRO A 384 27.50 -2.76 42.59
CA PRO A 384 27.41 -1.34 42.93
C PRO A 384 26.29 -0.63 42.15
N GLY A 385 25.05 -0.86 42.57
CA GLY A 385 23.90 -0.31 41.87
C GLY A 385 23.17 -1.34 41.04
N GLN A 386 23.10 -2.57 41.55
CA GLN A 386 22.50 -3.68 40.81
C GLN A 386 20.99 -3.57 40.79
N LEU A 387 20.40 -3.79 39.63
CA LEU A 387 18.96 -3.82 39.45
C LEU A 387 18.49 -5.28 39.53
N LYS A 388 17.63 -5.56 40.51
CA LYS A 388 17.12 -6.91 40.78
C LYS A 388 15.61 -6.85 40.59
N LEU A 389 15.17 -7.06 39.35
CA LEU A 389 13.76 -6.87 38.99
C LEU A 389 13.06 -8.21 38.88
N ASN A 390 12.09 -8.45 39.76
CA ASN A 390 11.32 -9.68 39.72
C ASN A 390 10.06 -9.48 38.87
N TRP A 391 9.55 -10.59 38.33
CA TRP A 391 8.27 -10.53 37.64
C TRP A 391 7.63 -11.91 37.65
N PHE A 392 6.36 -11.94 37.22
CA PHE A 392 5.52 -13.14 37.21
C PHE A 392 4.91 -13.27 35.82
N LYS A 393 5.60 -14.00 34.95
CA LYS A 393 5.10 -14.26 33.61
C LYS A 393 4.03 -15.34 33.63
N LYS A 394 3.05 -15.19 32.73
CA LYS A 394 1.90 -16.09 32.59
C LYS A 394 0.96 -15.98 33.79
C1 NAG B . -18.70 28.40 -25.78
C2 NAG B . -17.61 28.71 -26.80
C3 NAG B . -16.55 29.61 -26.19
C4 NAG B . -17.19 30.86 -25.61
C5 NAG B . -18.30 30.48 -24.63
C6 NAG B . -19.07 31.66 -24.11
C7 NAG B . -17.33 26.93 -28.49
C8 NAG B . -16.61 25.67 -28.85
N2 NAG B . -17.00 27.48 -27.31
O3 NAG B . -15.60 29.98 -27.19
O4 NAG B . -16.21 31.64 -24.92
O5 NAG B . -19.26 29.62 -25.29
O6 NAG B . -19.76 32.35 -25.15
O7 NAG B . -18.17 27.44 -29.22
#